data_5QBG
#
_entry.id   5QBG
#
_cell.length_a   45.062
_cell.length_b   73.214
_cell.length_c   52.664
_cell.angle_alpha   90.000
_cell.angle_beta   108.870
_cell.angle_gamma   90.000
#
_symmetry.space_group_name_H-M   'P 1 21 1'
#
loop_
_entity.id
_entity.type
_entity.pdbx_description
1 polymer Endothiapepsin
2 non-polymer GLYCEROL
3 non-polymer (6~{R})-1,4-oxazepan-6-ol
4 non-polymer 'DIMETHYL SULFOXIDE'
5 water water
#
_entity_poly.entity_id   1
_entity_poly.type   'polypeptide(L)'
_entity_poly.pdbx_seq_one_letter_code
;STGSATTTPIDSLDDAYITPVQIGTPAQTLNLDFDTGSSDLWVFSSETTASEVDGQTIYTPSKSTTAKLLSGATWSISYG
DGSSSSGDVYTDTVSVGGLTVTGQAVESAKKVSSSFTEDSTIDGLLGLAFSTLNTVSPTQQKTFFDNAKASLDSPVFTAD
LGYHAPGTYNFGFIDTTAYTGSITYTAVSTKQGFWEWTSTGYAVGSGTFKSTSIDGIADTGTTLLYLPATVVSAYWAQVS
GAKSSSSVGGYVFPCSATLPSFTFGVGSARIVIPGDYIDFGPISTGSSSCFGGIQSSAGIGINIFGDVALKAAFVVFNGA
TTPTLGFASK
;
_entity_poly.pdbx_strand_id   A
#
loop_
_chem_comp.id
_chem_comp.type
_chem_comp.name
_chem_comp.formula
8KB non-polymer (6~{R})-1,4-oxazepan-6-ol 'C5 H11 N O2'
DMS non-polymer 'DIMETHYL SULFOXIDE' 'C2 H6 O S'
GOL non-polymer GLYCEROL 'C3 H8 O3'
#
# COMPACT_ATOMS: atom_id res chain seq x y z
N SER A 1 8.41 -19.73 11.30
CA SER A 1 9.34 -18.63 11.04
C SER A 1 8.62 -17.29 11.11
N THR A 2 9.38 -16.22 11.21
CA THR A 2 8.83 -14.87 11.20
C THR A 2 9.79 -13.92 10.48
N GLY A 3 9.29 -12.74 10.11
CA GLY A 3 10.14 -11.69 9.60
C GLY A 3 9.65 -10.36 10.13
N SER A 4 10.55 -9.39 10.23
CA SER A 4 10.23 -8.06 10.71
C SER A 4 11.13 -7.05 10.01
N ALA A 5 10.54 -6.09 9.31
CA ALA A 5 11.32 -5.13 8.55
C ALA A 5 10.78 -3.72 8.72
N THR A 6 11.68 -2.76 8.89
CA THR A 6 11.31 -1.36 8.98
C THR A 6 10.95 -0.78 7.61
N THR A 7 9.86 -0.03 7.56
CA THR A 7 9.47 0.63 6.32
C THR A 7 9.57 2.14 6.53
N THR A 8 10.08 2.85 5.52
CA THR A 8 10.46 4.27 5.66
C THR A 8 9.82 5.15 4.58
N PRO A 9 9.20 6.28 4.97
CA PRO A 9 8.63 7.20 3.98
CA PRO A 9 8.62 7.17 3.96
C PRO A 9 9.67 7.65 2.96
N ILE A 10 9.29 7.76 1.69
CA ILE A 10 10.24 8.13 0.65
C ILE A 10 10.47 9.62 0.61
N ASP A 11 9.56 10.39 1.20
CA ASP A 11 9.70 11.84 1.23
C ASP A 11 8.94 12.44 2.40
N SER A 12 8.92 13.76 2.47
CA SER A 12 8.37 14.45 3.63
C SER A 12 6.84 14.42 3.68
N LEU A 13 6.22 13.90 2.62
CA LEU A 13 4.76 13.84 2.55
C LEU A 13 4.21 12.43 2.76
N ASP A 14 5.08 11.49 3.11
CA ASP A 14 4.68 10.07 3.18
C ASP A 14 3.99 9.61 1.89
N ASP A 15 4.53 9.99 0.75
CA ASP A 15 3.89 9.63 -0.53
C ASP A 15 3.90 8.13 -0.72
N ALA A 16 4.94 7.50 -0.21
CA ALA A 16 5.04 6.05 -0.27
C ALA A 16 6.06 5.60 0.77
N TYR A 17 6.13 4.30 0.99
CA TYR A 17 7.04 3.73 1.97
C TYR A 17 7.91 2.66 1.31
N ILE A 18 9.21 2.66 1.61
CA ILE A 18 10.09 1.64 1.05
C ILE A 18 10.66 0.75 2.14
N THR A 19 10.81 -0.53 1.80
CA THR A 19 11.27 -1.54 2.75
C THR A 19 12.43 -2.28 2.09
N PRO A 20 13.56 -2.42 2.79
CA PRO A 20 14.71 -3.11 2.18
C PRO A 20 14.42 -4.60 2.01
N VAL A 21 14.75 -5.15 0.85
CA VAL A 21 14.50 -6.56 0.56
C VAL A 21 15.78 -7.18 -0.01
N GLN A 22 16.16 -8.35 0.49
CA GLN A 22 17.35 -9.04 0.00
C GLN A 22 17.00 -10.05 -1.09
N ILE A 23 17.62 -9.89 -2.26
CA ILE A 23 17.36 -10.79 -3.38
C ILE A 23 18.66 -11.43 -3.88
N GLY A 24 18.67 -12.76 -3.97
CA GLY A 24 19.78 -13.45 -4.61
C GLY A 24 20.92 -13.78 -3.68
N THR A 25 21.96 -14.39 -4.26
CA THR A 25 23.11 -14.88 -3.50
C THR A 25 24.42 -14.55 -4.24
N PRO A 26 25.30 -13.75 -3.61
CA PRO A 26 25.15 -13.02 -2.35
C PRO A 26 24.01 -12.01 -2.44
N ALA A 27 23.51 -11.52 -1.31
CA ALA A 27 22.32 -10.68 -1.31
C ALA A 27 22.53 -9.39 -2.08
N GLN A 28 21.51 -9.02 -2.85
CA GLN A 28 21.43 -7.71 -3.45
C GLN A 28 20.25 -7.04 -2.76
N THR A 29 20.51 -5.91 -2.11
CA THR A 29 19.45 -5.28 -1.34
C THR A 29 18.80 -4.19 -2.15
N LEU A 30 17.49 -4.32 -2.35
CA LEU A 30 16.70 -3.31 -3.04
C LEU A 30 15.60 -2.76 -2.12
N ASN A 31 15.26 -1.49 -2.32
CA ASN A 31 14.21 -0.86 -1.53
C ASN A 31 12.91 -0.95 -2.29
N LEU A 32 12.01 -1.79 -1.81
CA LEU A 32 10.76 -2.03 -2.50
C LEU A 32 9.57 -1.38 -1.83
N ASP A 33 8.57 -1.05 -2.65
CA ASP A 33 7.30 -0.49 -2.20
C ASP A 33 6.31 -1.65 -1.95
N PHE A 34 6.05 -1.97 -0.68
CA PHE A 34 5.13 -3.07 -0.35
C PHE A 34 3.70 -2.64 -0.61
N ASP A 35 3.03 -3.41 -1.46
CA ASP A 35 1.74 -2.98 -1.99
C ASP A 35 0.65 -4.02 -1.79
N THR A 36 -0.21 -3.82 -0.78
CA THR A 36 -1.27 -4.80 -0.54
C THR A 36 -2.38 -4.74 -1.60
N GLY A 37 -2.22 -3.85 -2.58
CA GLY A 37 -3.19 -3.70 -3.65
C GLY A 37 -2.77 -4.31 -4.99
N SER A 38 -1.63 -4.99 -5.03
CA SER A 38 -1.21 -5.72 -6.22
C SER A 38 -0.46 -6.98 -5.82
N SER A 39 -0.07 -7.80 -6.80
CA SER A 39 0.38 -9.15 -6.49
C SER A 39 1.62 -9.56 -7.28
N ASP A 40 2.34 -8.57 -7.77
CA ASP A 40 3.59 -8.84 -8.47
C ASP A 40 4.77 -8.31 -7.66
N LEU A 41 5.84 -9.11 -7.61
CA LEU A 41 7.11 -8.63 -7.08
C LEU A 41 8.00 -8.32 -8.28
N TRP A 42 8.19 -7.03 -8.59
CA TRP A 42 9.00 -6.69 -9.74
C TRP A 42 10.04 -5.66 -9.36
N VAL A 43 11.16 -5.70 -10.06
CA VAL A 43 12.28 -4.85 -9.72
C VAL A 43 12.93 -4.23 -10.95
N PHE A 44 13.48 -3.03 -10.77
CA PHE A 44 14.44 -2.50 -11.72
C PHE A 44 15.58 -3.50 -11.82
N SER A 45 16.11 -3.71 -13.01
CA SER A 45 17.12 -4.75 -13.16
C SER A 45 18.14 -4.39 -14.23
N SER A 46 19.11 -5.27 -14.43
CA SER A 46 20.09 -5.09 -15.48
C SER A 46 19.45 -5.20 -16.87
N GLU A 47 18.17 -5.59 -16.92
CA GLU A 47 17.47 -5.71 -18.20
C GLU A 47 16.60 -4.50 -18.53
N THR A 48 16.47 -3.58 -17.58
CA THR A 48 15.62 -2.42 -17.78
C THR A 48 16.25 -1.46 -18.78
N THR A 49 15.49 -1.09 -19.80
CA THR A 49 15.92 -0.10 -20.80
C THR A 49 16.67 1.04 -20.11
N ALA A 50 17.92 1.24 -20.49
CA ALA A 50 18.83 2.14 -19.79
C ALA A 50 18.26 3.55 -19.61
N SER A 51 17.62 4.07 -20.66
CA SER A 51 17.05 5.41 -20.60
C SER A 51 15.89 5.53 -19.61
N GLU A 52 15.43 4.40 -19.08
CA GLU A 52 14.30 4.41 -18.15
C GLU A 52 14.74 4.19 -16.71
N VAL A 53 16.06 4.16 -16.49
CA VAL A 53 16.64 4.03 -15.16
C VAL A 53 17.33 5.35 -14.76
N ASP A 54 16.95 5.90 -13.62
CA ASP A 54 17.52 7.16 -13.14
C ASP A 54 17.78 7.15 -11.64
N GLY A 55 18.81 6.44 -11.21
CA GLY A 55 19.19 6.44 -9.81
C GLY A 55 18.79 5.23 -8.99
N GLN A 56 17.87 4.41 -9.52
CA GLN A 56 17.43 3.21 -8.83
C GLN A 56 18.56 2.21 -8.68
N THR A 57 18.49 1.40 -7.63
CA THR A 57 19.37 0.25 -7.47
C THR A 57 18.75 -0.91 -8.25
N ILE A 58 19.56 -1.60 -9.05
CA ILE A 58 19.02 -2.64 -9.92
C ILE A 58 19.40 -4.03 -9.46
N TYR A 59 18.53 -4.99 -9.76
CA TYR A 59 18.81 -6.41 -9.56
C TYR A 59 19.55 -6.95 -10.78
N THR A 60 20.64 -7.66 -10.55
CA THR A 60 21.41 -8.23 -11.65
C THR A 60 21.45 -9.74 -11.47
N PRO A 61 20.55 -10.47 -12.14
CA PRO A 61 20.45 -11.90 -11.88
C PRO A 61 21.73 -12.66 -12.23
N SER A 62 22.51 -12.14 -13.19
CA SER A 62 23.73 -12.81 -13.60
C SER A 62 24.78 -12.84 -12.48
N LYS A 63 24.59 -12.00 -11.47
CA LYS A 63 25.49 -11.95 -10.31
C LYS A 63 25.00 -12.81 -9.16
N SER A 64 23.84 -13.43 -9.32
CA SER A 64 23.28 -14.27 -8.27
C SER A 64 23.43 -15.75 -8.61
N THR A 65 24.05 -16.51 -7.71
CA THR A 65 24.28 -17.93 -7.96
C THR A 65 22.99 -18.75 -7.86
N THR A 66 21.94 -18.14 -7.32
CA THR A 66 20.68 -18.85 -7.11
C THR A 66 19.58 -18.40 -8.10
N ALA A 67 19.88 -17.41 -8.94
CA ALA A 67 18.92 -16.93 -9.93
C ALA A 67 18.77 -17.94 -11.07
N LYS A 68 17.53 -18.18 -11.49
CA LYS A 68 17.26 -19.01 -12.66
C LYS A 68 16.17 -18.35 -13.49
N LEU A 69 16.40 -18.24 -14.78
CA LEU A 69 15.37 -17.73 -15.67
C LEU A 69 14.15 -18.63 -15.64
N LEU A 70 12.98 -18.04 -15.46
CA LEU A 70 11.72 -18.76 -15.55
C LEU A 70 11.34 -18.70 -17.03
N SER A 71 11.76 -19.72 -17.77
CA SER A 71 11.78 -19.64 -19.22
C SER A 71 10.41 -19.48 -19.83
N GLY A 72 10.26 -18.47 -20.69
CA GLY A 72 9.02 -18.20 -21.39
C GLY A 72 8.04 -17.31 -20.66
N ALA A 73 8.29 -17.05 -19.38
CA ALA A 73 7.35 -16.26 -18.58
C ALA A 73 7.55 -14.77 -18.84
N THR A 74 6.45 -14.07 -18.99
CA THR A 74 6.48 -12.62 -19.14
C THR A 74 5.42 -12.02 -18.23
N TRP A 75 5.53 -10.73 -17.97
CA TRP A 75 4.56 -10.05 -17.12
C TRP A 75 4.34 -8.62 -17.59
N SER A 76 3.18 -8.09 -17.28
CA SER A 76 2.85 -6.71 -17.66
C SER A 76 1.76 -6.22 -16.71
N ILE A 77 1.98 -5.07 -16.09
CA ILE A 77 1.03 -4.59 -15.11
C ILE A 77 0.77 -3.10 -15.28
N SER A 78 -0.45 -2.68 -14.99
CA SER A 78 -0.77 -1.26 -14.93
C SER A 78 -1.46 -0.97 -13.61
N TYR A 79 -1.12 0.17 -13.01
CA TYR A 79 -1.63 0.52 -11.70
C TYR A 79 -2.72 1.58 -11.80
N GLY A 80 -3.37 1.85 -10.67
CA GLY A 80 -4.50 2.75 -10.62
C GLY A 80 -4.18 4.20 -10.96
N ASP A 81 -2.91 4.56 -10.85
CA ASP A 81 -2.48 5.92 -11.17
C ASP A 81 -2.06 6.03 -12.63
N GLY A 82 -2.21 4.93 -13.37
CA GLY A 82 -1.85 4.91 -14.78
C GLY A 82 -0.40 4.55 -15.04
N SER A 83 0.36 4.26 -14.00
CA SER A 83 1.75 3.84 -14.19
C SER A 83 1.76 2.37 -14.63
N SER A 84 2.89 1.93 -15.18
CA SER A 84 2.98 0.58 -15.70
C SER A 84 4.41 0.08 -15.80
N SER A 85 4.56 -1.24 -15.91
CA SER A 85 5.85 -1.85 -16.14
C SER A 85 5.66 -3.25 -16.69
N SER A 86 6.71 -3.81 -17.28
CA SER A 86 6.64 -5.14 -17.88
C SER A 86 8.03 -5.72 -18.07
N GLY A 87 8.12 -7.04 -18.20
CA GLY A 87 9.40 -7.65 -18.47
C GLY A 87 9.33 -9.16 -18.44
N ASP A 88 10.42 -9.79 -18.01
CA ASP A 88 10.42 -11.24 -17.88
C ASP A 88 10.67 -11.64 -16.44
N VAL A 89 10.94 -12.93 -16.20
CA VAL A 89 10.88 -13.45 -14.84
C VAL A 89 12.03 -14.38 -14.48
N TYR A 90 12.59 -14.16 -13.29
CA TYR A 90 13.56 -15.07 -12.69
C TYR A 90 12.96 -15.68 -11.44
N THR A 91 13.46 -16.84 -11.03
CA THR A 91 13.20 -17.29 -9.67
C THR A 91 14.49 -17.08 -8.91
N ASP A 92 14.37 -16.71 -7.63
CA ASP A 92 15.56 -16.50 -6.82
C ASP A 92 15.14 -16.55 -5.35
N THR A 93 16.14 -16.54 -4.48
CA THR A 93 15.89 -16.48 -3.05
C THR A 93 15.62 -15.04 -2.66
N VAL A 94 14.54 -14.81 -1.92
CA VAL A 94 14.17 -13.46 -1.51
C VAL A 94 13.95 -13.45 0.00
N SER A 95 14.54 -12.48 0.69
CA SER A 95 14.39 -12.40 2.15
C SER A 95 13.88 -11.03 2.59
N VAL A 96 12.90 -11.03 3.49
CA VAL A 96 12.37 -9.80 4.08
C VAL A 96 12.47 -9.86 5.60
N GLY A 97 13.28 -8.99 6.19
CA GLY A 97 13.39 -8.89 7.63
C GLY A 97 13.72 -10.21 8.31
N GLY A 98 14.55 -11.02 7.66
CA GLY A 98 14.99 -12.29 8.24
C GLY A 98 14.20 -13.48 7.76
N LEU A 99 13.08 -13.22 7.10
CA LEU A 99 12.23 -14.29 6.58
C LEU A 99 12.62 -14.59 5.15
N THR A 100 12.98 -15.83 4.89
CA THR A 100 13.51 -16.21 3.58
C THR A 100 12.57 -17.12 2.79
N VAL A 101 12.38 -16.80 1.50
CA VAL A 101 11.62 -17.65 0.58
C VAL A 101 12.50 -18.08 -0.57
N THR A 102 12.59 -19.38 -0.83
CA THR A 102 13.32 -19.83 -2.01
C THR A 102 12.36 -20.00 -3.17
N GLY A 103 12.88 -19.82 -4.38
CA GLY A 103 12.09 -20.03 -5.59
C GLY A 103 11.01 -18.98 -5.81
N GLN A 104 11.23 -17.79 -5.26
CA GLN A 104 10.29 -16.69 -5.42
C GLN A 104 10.36 -16.14 -6.83
N ALA A 105 9.21 -15.86 -7.44
CA ALA A 105 9.21 -15.22 -8.75
C ALA A 105 9.63 -13.76 -8.60
N VAL A 106 10.76 -13.43 -9.21
CA VAL A 106 11.27 -12.07 -9.22
C VAL A 106 11.10 -11.53 -10.63
N GLU A 107 10.16 -10.62 -10.80
CA GLU A 107 9.82 -10.14 -12.12
C GLU A 107 10.75 -9.00 -12.49
N SER A 108 11.53 -9.22 -13.55
CA SER A 108 12.56 -8.26 -13.96
C SER A 108 11.99 -7.29 -14.99
N ALA A 109 12.06 -5.99 -14.72
CA ALA A 109 11.45 -5.02 -15.63
C ALA A 109 12.33 -4.79 -16.85
N LYS A 110 11.73 -4.88 -18.03
CA LYS A 110 12.42 -4.45 -19.24
C LYS A 110 12.00 -3.01 -19.54
N LYS A 111 10.76 -2.68 -19.20
CA LYS A 111 10.22 -1.34 -19.41
C LYS A 111 9.50 -0.85 -18.15
N VAL A 112 9.66 0.43 -17.83
CA VAL A 112 8.85 1.06 -16.79
C VAL A 112 8.32 2.41 -17.30
N SER A 113 7.19 2.86 -16.78
CA SER A 113 6.64 4.16 -17.19
C SER A 113 7.41 5.29 -16.51
N SER A 114 7.22 6.50 -17.00
CA SER A 114 8.05 7.63 -16.53
C SER A 114 7.93 7.87 -15.02
N SER A 115 6.75 7.64 -14.43
CA SER A 115 6.58 7.90 -13.00
C SER A 115 7.49 7.01 -12.15
N PHE A 116 7.78 5.81 -12.63
CA PHE A 116 8.71 4.95 -11.93
C PHE A 116 10.15 5.45 -12.16
N THR A 117 10.46 5.80 -13.40
CA THR A 117 11.78 6.34 -13.72
C THR A 117 12.10 7.57 -12.89
N GLU A 118 11.12 8.45 -12.74
CA GLU A 118 11.34 9.72 -12.06
C GLU A 118 11.45 9.58 -10.55
N ASP A 119 11.07 8.42 -10.02
CA ASP A 119 11.17 8.19 -8.59
C ASP A 119 12.38 7.33 -8.27
N SER A 120 13.49 7.99 -7.96
CA SER A 120 14.76 7.31 -7.73
C SER A 120 14.80 6.48 -6.46
N THR A 121 13.84 6.69 -5.57
CA THR A 121 13.87 6.04 -4.26
C THR A 121 13.21 4.66 -4.23
N ILE A 122 12.43 4.34 -5.26
CA ILE A 122 11.72 3.07 -5.31
C ILE A 122 12.34 2.14 -6.35
N ASP A 123 12.86 1.00 -5.90
CA ASP A 123 13.58 0.06 -6.78
C ASP A 123 12.65 -1.02 -7.33
N GLY A 124 11.41 -1.00 -6.91
CA GLY A 124 10.44 -1.99 -7.36
C GLY A 124 9.29 -2.10 -6.40
N LEU A 125 8.39 -3.04 -6.67
CA LEU A 125 7.21 -3.25 -5.83
C LEU A 125 7.21 -4.67 -5.34
N LEU A 126 6.65 -4.86 -4.15
CA LEU A 126 6.42 -6.19 -3.62
C LEU A 126 4.93 -6.35 -3.31
N GLY A 127 4.23 -7.07 -4.17
CA GLY A 127 2.78 -7.20 -4.06
C GLY A 127 2.34 -8.12 -2.95
N LEU A 128 1.30 -7.71 -2.22
CA LEU A 128 0.82 -8.49 -1.07
C LEU A 128 -0.69 -8.72 -1.11
N ALA A 129 -1.29 -8.49 -2.27
CA ALA A 129 -2.69 -8.86 -2.49
C ALA A 129 -2.72 -10.35 -2.77
N PHE A 130 -3.86 -10.86 -3.24
CA PHE A 130 -3.97 -12.31 -3.41
C PHE A 130 -3.37 -12.73 -4.75
N SER A 131 -2.78 -13.92 -4.81
CA SER A 131 -1.97 -14.29 -5.98
C SER A 131 -2.79 -14.41 -7.27
N THR A 132 -4.11 -14.44 -7.16
CA THR A 132 -4.96 -14.48 -8.34
C THR A 132 -4.83 -13.20 -9.19
N LEU A 133 -4.26 -12.14 -8.62
CA LEU A 133 -4.00 -10.93 -9.40
C LEU A 133 -2.62 -10.90 -10.07
N ASN A 134 -1.79 -11.91 -9.83
CA ASN A 134 -0.44 -11.89 -10.39
C ASN A 134 -0.47 -11.93 -11.92
N THR A 135 0.37 -11.11 -12.56
CA THR A 135 0.24 -10.91 -14.01
C THR A 135 1.16 -11.79 -14.84
N VAL A 136 1.91 -12.68 -14.20
CA VAL A 136 2.83 -13.52 -14.96
C VAL A 136 2.08 -14.51 -15.84
N SER A 137 2.52 -14.58 -17.11
CA SER A 137 1.91 -15.43 -18.12
C SER A 137 3.01 -16.28 -18.77
N PRO A 138 2.71 -17.54 -19.13
CA PRO A 138 1.43 -18.26 -19.05
C PRO A 138 1.20 -18.98 -17.73
N THR A 139 2.16 -18.94 -16.82
CA THR A 139 2.00 -19.59 -15.53
C THR A 139 1.99 -18.53 -14.43
N GLN A 140 0.82 -18.28 -13.85
CA GLN A 140 0.66 -17.27 -12.81
C GLN A 140 1.50 -17.64 -11.58
N GLN A 141 2.10 -16.63 -10.95
CA GLN A 141 3.02 -16.87 -9.84
C GLN A 141 2.47 -16.41 -8.49
N LYS A 142 3.03 -16.99 -7.43
CA LYS A 142 2.60 -16.67 -6.06
C LYS A 142 3.33 -15.47 -5.49
N THR A 143 2.64 -14.70 -4.64
CA THR A 143 3.28 -13.60 -3.92
C THR A 143 4.29 -14.11 -2.90
N PHE A 144 5.14 -13.19 -2.42
CA PHE A 144 6.09 -13.51 -1.34
C PHE A 144 5.35 -14.07 -0.15
N PHE A 145 4.22 -13.46 0.19
CA PHE A 145 3.46 -13.89 1.37
C PHE A 145 2.86 -15.29 1.17
N ASP A 146 2.30 -15.55 0.00
N ASP A 146 2.29 -15.52 -0.01
CA ASP A 146 1.74 -16.87 -0.27
CA ASP A 146 1.74 -16.82 -0.39
C ASP A 146 2.80 -17.96 -0.21
C ASP A 146 2.78 -17.93 -0.22
N ASN A 147 3.98 -17.68 -0.75
CA ASN A 147 5.08 -18.62 -0.66
C ASN A 147 5.58 -18.83 0.77
N ALA A 148 5.61 -17.76 1.54
CA ALA A 148 6.14 -17.83 2.89
C ALA A 148 5.16 -18.48 3.86
N LYS A 149 3.89 -18.53 3.45
CA LYS A 149 2.80 -18.77 4.39
C LYS A 149 2.93 -20.07 5.17
N ALA A 150 3.42 -21.10 4.51
CA ALA A 150 3.59 -22.41 5.15
C ALA A 150 4.61 -22.38 6.28
N SER A 151 5.70 -21.65 6.09
CA SER A 151 6.77 -21.59 7.08
CA SER A 151 6.76 -21.60 7.09
C SER A 151 6.44 -20.66 8.24
N LEU A 152 5.46 -19.77 8.04
CA LEU A 152 5.14 -18.77 9.07
C LEU A 152 4.54 -19.39 10.33
N ASP A 153 4.87 -18.83 11.50
CA ASP A 153 4.23 -19.27 12.74
C ASP A 153 2.72 -19.10 12.66
N SER A 154 2.30 -17.99 12.08
CA SER A 154 0.89 -17.70 11.85
CA SER A 154 0.89 -17.71 11.83
C SER A 154 0.73 -17.08 10.46
N PRO A 155 -0.35 -17.42 9.74
CA PRO A 155 -0.47 -16.95 8.35
C PRO A 155 -0.93 -15.50 8.24
N VAL A 156 -0.15 -14.60 8.81
CA VAL A 156 -0.52 -13.19 8.91
C VAL A 156 0.66 -12.30 8.55
N PHE A 157 0.38 -11.08 8.10
CA PHE A 157 1.39 -10.04 8.14
C PHE A 157 0.71 -8.77 8.66
N THR A 158 1.48 -7.85 9.21
CA THR A 158 0.90 -6.64 9.79
C THR A 158 1.57 -5.42 9.21
N ALA A 159 0.79 -4.35 9.02
CA ALA A 159 1.29 -3.08 8.53
C ALA A 159 1.13 -2.04 9.61
N ASP A 160 2.25 -1.41 9.97
CA ASP A 160 2.28 -0.41 11.02
C ASP A 160 2.99 0.80 10.46
N LEU A 161 2.29 1.58 9.63
CA LEU A 161 2.90 2.70 8.94
C LEU A 161 3.01 3.92 9.83
N GLY A 162 4.10 4.65 9.69
CA GLY A 162 4.32 5.82 10.51
C GLY A 162 3.85 7.10 9.84
N TYR A 163 3.50 8.08 10.65
CA TYR A 163 3.21 9.42 10.15
C TYR A 163 4.48 10.25 10.23
N HIS A 164 5.02 10.63 9.07
CA HIS A 164 6.30 11.33 9.00
C HIS A 164 7.39 10.60 9.78
N ALA A 165 7.35 9.28 9.76
CA ALA A 165 8.24 8.48 10.59
C ALA A 165 8.27 7.06 10.07
N PRO A 166 9.37 6.33 10.31
CA PRO A 166 9.40 4.94 9.87
C PRO A 166 8.37 4.08 10.57
N GLY A 167 8.05 2.94 9.97
CA GLY A 167 7.11 2.01 10.56
C GLY A 167 7.62 0.59 10.38
N THR A 168 6.72 -0.38 10.47
CA THR A 168 7.13 -1.78 10.46
C THR A 168 6.17 -2.65 9.66
N TYR A 169 6.73 -3.57 8.86
CA TYR A 169 5.99 -4.72 8.34
C TYR A 169 6.46 -5.99 9.07
N ASN A 170 5.56 -6.71 9.72
CA ASN A 170 5.91 -7.99 10.34
C ASN A 170 5.26 -9.14 9.60
N PHE A 171 5.91 -10.29 9.55
CA PHE A 171 5.32 -11.48 8.95
C PHE A 171 5.32 -12.63 9.95
N GLY A 172 4.16 -13.26 10.11
CA GLY A 172 4.08 -14.48 10.88
C GLY A 172 3.76 -14.30 12.35
N PHE A 173 3.65 -13.05 12.80
CA PHE A 173 3.28 -12.80 14.19
C PHE A 173 2.62 -11.45 14.37
N ILE A 174 1.90 -11.31 15.47
CA ILE A 174 1.26 -10.05 15.83
C ILE A 174 1.94 -9.50 17.07
N ASP A 175 2.56 -8.33 16.91
CA ASP A 175 3.29 -7.67 18.00
C ASP A 175 2.32 -6.95 18.92
N THR A 176 2.03 -7.56 20.07
CA THR A 176 1.04 -6.99 20.98
C THR A 176 1.51 -5.71 21.66
N THR A 177 2.77 -5.32 21.47
CA THR A 177 3.29 -4.09 22.04
C THR A 177 3.13 -2.92 21.05
N ALA A 178 2.69 -3.23 19.84
CA ALA A 178 2.69 -2.25 18.76
C ALA A 178 1.35 -1.52 18.63
N TYR A 179 0.38 -1.91 19.45
CA TYR A 179 -0.91 -1.24 19.43
C TYR A 179 -1.46 -1.08 20.84
N THR A 180 -2.50 -0.27 20.96
CA THR A 180 -3.21 -0.08 22.22
C THR A 180 -4.62 -0.61 22.06
N GLY A 181 -5.26 -0.95 23.17
CA GLY A 181 -6.61 -1.48 23.12
C GLY A 181 -6.64 -2.85 22.46
N SER A 182 -7.76 -3.15 21.82
CA SER A 182 -7.90 -4.45 21.15
CA SER A 182 -7.96 -4.44 21.16
C SER A 182 -7.93 -4.31 19.65
N ILE A 183 -7.76 -5.43 18.96
CA ILE A 183 -7.82 -5.45 17.51
C ILE A 183 -9.22 -5.86 17.12
N THR A 184 -9.84 -5.09 16.23
CA THR A 184 -11.15 -5.46 15.72
C THR A 184 -11.02 -6.07 14.34
N TYR A 185 -11.47 -7.32 14.20
CA TYR A 185 -11.38 -8.00 12.92
C TYR A 185 -12.68 -7.92 12.12
N THR A 186 -12.54 -7.84 10.80
CA THR A 186 -13.69 -7.67 9.93
C THR A 186 -13.53 -8.57 8.71
N ALA A 187 -14.63 -9.04 8.15
CA ALA A 187 -14.57 -10.01 7.07
C ALA A 187 -13.94 -9.45 5.78
N VAL A 188 -13.20 -10.32 5.09
CA VAL A 188 -12.59 -9.99 3.82
C VAL A 188 -13.20 -10.81 2.67
N SER A 189 -13.48 -10.13 1.56
CA SER A 189 -13.82 -10.80 0.32
C SER A 189 -12.61 -10.81 -0.60
N THR A 190 -12.29 -11.99 -1.12
CA THR A 190 -11.17 -12.16 -2.03
C THR A 190 -11.63 -12.24 -3.49
N LYS A 191 -12.91 -12.00 -3.72
CA LYS A 191 -13.50 -12.20 -5.04
C LYS A 191 -12.86 -11.36 -6.15
N GLN A 192 -12.31 -10.20 -5.80
CA GLN A 192 -11.64 -9.36 -6.79
C GLN A 192 -10.12 -9.43 -6.65
N GLY A 193 -9.65 -10.29 -5.74
CA GLY A 193 -8.22 -10.46 -5.57
C GLY A 193 -7.59 -9.47 -4.59
N PHE A 194 -8.41 -8.59 -4.04
CA PHE A 194 -7.93 -7.58 -3.08
C PHE A 194 -8.26 -7.92 -1.64
N TRP A 195 -7.61 -7.20 -0.72
CA TRP A 195 -8.03 -7.20 0.67
C TRP A 195 -9.25 -6.29 0.80
N GLU A 196 -10.40 -6.81 0.36
CA GLU A 196 -11.63 -6.04 0.29
C GLU A 196 -12.49 -6.25 1.52
N TRP A 197 -12.98 -5.15 2.09
CA TRP A 197 -13.75 -5.24 3.32
C TRP A 197 -14.83 -4.16 3.32
N THR A 198 -15.66 -4.13 4.34
CA THR A 198 -16.72 -3.15 4.40
C THR A 198 -16.69 -2.35 5.69
N SER A 199 -16.43 -1.04 5.57
CA SER A 199 -16.45 -0.15 6.72
C SER A 199 -17.89 0.10 7.14
N THR A 200 -18.10 0.28 8.45
CA THR A 200 -19.46 0.46 8.99
C THR A 200 -19.92 1.92 9.03
N GLY A 201 -19.06 2.84 8.60
CA GLY A 201 -19.46 4.24 8.51
C GLY A 201 -18.35 5.25 8.79
N TYR A 202 -18.74 6.49 9.04
CA TYR A 202 -17.75 7.54 9.24
C TYR A 202 -18.27 8.71 10.08
N ALA A 203 -17.34 9.50 10.60
CA ALA A 203 -17.68 10.81 11.18
C ALA A 203 -16.67 11.85 10.70
N VAL A 204 -17.13 13.10 10.62
CA VAL A 204 -16.25 14.22 10.30
C VAL A 204 -16.02 15.05 11.55
N GLY A 205 -14.76 15.15 11.96
CA GLY A 205 -14.40 15.88 13.18
C GLY A 205 -15.18 15.36 14.38
N SER A 206 -15.80 16.27 15.13
CA SER A 206 -16.56 15.85 16.30
C SER A 206 -18.04 15.63 15.96
N GLY A 207 -18.35 15.53 14.67
CA GLY A 207 -19.72 15.30 14.23
C GLY A 207 -20.23 13.91 14.55
N THR A 208 -21.54 13.71 14.42
CA THR A 208 -22.11 12.41 14.75
C THR A 208 -21.71 11.36 13.72
N PHE A 209 -21.60 10.12 14.18
CA PHE A 209 -21.20 9.02 13.32
C PHE A 209 -22.35 8.64 12.42
N LYS A 210 -22.05 8.55 11.13
CA LYS A 210 -23.01 8.11 10.14
C LYS A 210 -22.82 6.63 9.86
N SER A 211 -23.80 5.82 10.24
CA SER A 211 -23.75 4.38 9.96
C SER A 211 -24.12 4.15 8.50
N THR A 212 -23.17 3.63 7.74
CA THR A 212 -23.39 3.34 6.33
C THR A 212 -22.28 2.41 5.87
N SER A 213 -22.64 1.44 5.05
CA SER A 213 -21.66 0.45 4.60
C SER A 213 -20.84 1.02 3.45
N ILE A 214 -19.52 0.99 3.61
CA ILE A 214 -18.62 1.44 2.56
C ILE A 214 -17.66 0.32 2.20
N ASP A 215 -17.86 -0.29 1.05
CA ASP A 215 -16.98 -1.34 0.54
CA ASP A 215 -16.97 -1.34 0.59
C ASP A 215 -15.68 -0.74 0.02
N GLY A 216 -14.54 -1.27 0.42
CA GLY A 216 -13.29 -0.73 -0.05
C GLY A 216 -12.15 -1.70 0.11
N ILE A 217 -10.96 -1.31 -0.35
CA ILE A 217 -9.79 -2.17 -0.21
C ILE A 217 -8.72 -1.53 0.67
N ALA A 218 -8.02 -2.37 1.42
CA ALA A 218 -6.87 -1.93 2.21
C ALA A 218 -5.65 -1.96 1.32
N ASP A 219 -5.10 -0.79 0.98
CA ASP A 219 -4.06 -0.70 -0.05
C ASP A 219 -2.85 0.13 0.38
N THR A 220 -1.80 -0.53 0.84
CA THR A 220 -0.60 0.19 1.29
C THR A 220 0.12 0.91 0.15
N GLY A 221 -0.18 0.51 -1.08
CA GLY A 221 0.46 1.07 -2.25
C GLY A 221 -0.19 2.34 -2.78
N THR A 222 -1.26 2.77 -2.12
CA THR A 222 -1.96 4.00 -2.50
C THR A 222 -1.78 5.03 -1.39
N THR A 223 -1.44 6.26 -1.76
CA THR A 223 -1.10 7.28 -0.78
C THR A 223 -2.33 7.74 0.01
N LEU A 224 -3.40 8.02 -0.71
CA LEU A 224 -4.52 8.78 -0.17
C LEU A 224 -5.72 7.92 0.18
N LEU A 225 -6.72 8.55 0.77
CA LEU A 225 -7.98 7.88 1.10
C LEU A 225 -9.04 8.27 0.07
N TYR A 226 -9.58 7.29 -0.66
CA TYR A 226 -10.55 7.57 -1.72
C TYR A 226 -11.89 6.99 -1.33
N LEU A 227 -12.89 7.84 -1.19
CA LEU A 227 -14.19 7.44 -0.65
C LEU A 227 -15.32 7.99 -1.53
N PRO A 228 -16.56 7.52 -1.33
CA PRO A 228 -17.67 7.99 -2.19
C PRO A 228 -17.82 9.51 -2.13
N ALA A 229 -18.28 10.12 -3.22
CA ALA A 229 -18.35 11.57 -3.32
C ALA A 229 -19.21 12.20 -2.22
N THR A 230 -20.25 11.49 -1.79
CA THR A 230 -21.09 11.96 -0.71
C THR A 230 -20.29 12.16 0.57
N VAL A 231 -19.46 11.16 0.90
CA VAL A 231 -18.64 11.20 2.11
C VAL A 231 -17.61 12.31 2.03
N VAL A 232 -16.92 12.38 0.90
CA VAL A 232 -15.83 13.32 0.73
C VAL A 232 -16.35 14.77 0.68
N SER A 233 -17.52 14.97 0.10
CA SER A 233 -18.14 16.30 0.11
C SER A 233 -18.51 16.72 1.53
N ALA A 234 -19.01 15.78 2.33
CA ALA A 234 -19.37 16.09 3.72
C ALA A 234 -18.14 16.48 4.55
N TYR A 235 -17.01 15.86 4.25
CA TYR A 235 -15.78 16.18 4.96
C TYR A 235 -15.30 17.60 4.60
N TRP A 236 -15.13 17.86 3.30
CA TRP A 236 -14.51 19.13 2.88
C TRP A 236 -15.47 20.31 3.09
N ALA A 237 -16.75 20.01 3.27
CA ALA A 237 -17.71 21.07 3.57
C ALA A 237 -17.40 21.71 4.92
N GLN A 238 -16.62 21.02 5.76
CA GLN A 238 -16.30 21.54 7.09
C GLN A 238 -14.99 22.34 7.10
N VAL A 239 -14.44 22.56 5.91
CA VAL A 239 -13.18 23.30 5.78
C VAL A 239 -13.42 24.56 4.96
N SER A 240 -13.34 25.73 5.59
CA SER A 240 -13.58 27.00 4.91
CA SER A 240 -13.59 27.00 4.90
C SER A 240 -12.68 27.16 3.69
N GLY A 241 -13.28 27.40 2.54
CA GLY A 241 -12.54 27.64 1.31
C GLY A 241 -12.12 26.40 0.53
N ALA A 242 -12.44 25.22 1.05
CA ALA A 242 -12.09 23.97 0.37
C ALA A 242 -12.95 23.77 -0.88
N LYS A 243 -12.38 23.21 -1.94
CA LYS A 243 -13.14 22.99 -3.16
C LYS A 243 -12.49 21.91 -4.00
N SER A 244 -13.27 21.33 -4.89
CA SER A 244 -12.72 20.40 -5.86
C SER A 244 -12.26 21.16 -7.09
N SER A 245 -11.02 20.94 -7.50
CA SER A 245 -10.45 21.66 -8.62
C SER A 245 -10.12 20.71 -9.76
N SER A 246 -10.75 20.91 -10.91
CA SER A 246 -10.48 20.06 -12.07
C SER A 246 -9.07 20.28 -12.60
N SER A 247 -8.58 21.51 -12.49
CA SER A 247 -7.22 21.83 -12.93
C SER A 247 -6.18 21.10 -12.09
N VAL A 248 -6.43 21.02 -10.78
CA VAL A 248 -5.48 20.35 -9.89
C VAL A 248 -5.74 18.85 -9.83
N GLY A 249 -6.99 18.45 -9.93
CA GLY A 249 -7.33 17.03 -9.97
C GLY A 249 -7.82 16.47 -8.65
N GLY A 250 -8.51 17.30 -7.89
CA GLY A 250 -9.08 16.85 -6.64
C GLY A 250 -9.32 18.02 -5.69
N TYR A 251 -9.71 17.69 -4.46
CA TYR A 251 -9.96 18.70 -3.45
C TYR A 251 -8.67 19.39 -3.01
N VAL A 252 -8.74 20.72 -2.98
CA VAL A 252 -7.69 21.55 -2.43
C VAL A 252 -8.30 22.41 -1.32
N PHE A 253 -7.46 22.96 -0.46
CA PHE A 253 -7.95 23.80 0.63
C PHE A 253 -6.91 24.86 0.97
N PRO A 254 -7.35 25.95 1.60
CA PRO A 254 -6.39 27.01 1.96
C PRO A 254 -5.38 26.51 2.97
N CYS A 255 -4.11 26.77 2.73
CA CYS A 255 -3.07 26.27 3.63
C CYS A 255 -3.21 26.84 5.04
N SER A 256 -4.01 27.90 5.20
CA SER A 256 -4.25 28.49 6.52
C SER A 256 -5.31 27.74 7.33
N ALA A 257 -5.96 26.75 6.72
CA ALA A 257 -7.04 26.02 7.38
C ALA A 257 -6.54 25.05 8.44
N THR A 258 -7.39 24.78 9.43
CA THR A 258 -7.17 23.70 10.37
C THR A 258 -8.11 22.57 9.97
N LEU A 259 -7.57 21.41 9.63
CA LEU A 259 -8.40 20.31 9.13
C LEU A 259 -8.99 19.52 10.29
N PRO A 260 -10.27 19.11 10.14
CA PRO A 260 -10.91 18.22 11.11
C PRO A 260 -10.40 16.79 10.96
N SER A 261 -10.52 16.00 12.00
CA SER A 261 -10.20 14.58 11.88
C SER A 261 -11.26 13.89 11.02
N PHE A 262 -10.97 12.65 10.65
CA PHE A 262 -11.93 11.81 9.95
C PHE A 262 -11.95 10.45 10.62
N THR A 263 -13.14 10.00 11.02
CA THR A 263 -13.27 8.71 11.68
C THR A 263 -13.89 7.68 10.73
N PHE A 264 -13.33 6.47 10.66
CA PHE A 264 -14.03 5.42 9.92
C PHE A 264 -14.34 4.24 10.83
N GLY A 265 -15.42 3.53 10.52
CA GLY A 265 -15.84 2.43 11.36
C GLY A 265 -15.30 1.09 10.91
N VAL A 266 -14.90 0.28 11.89
CA VAL A 266 -14.55 -1.10 11.66
C VAL A 266 -15.39 -1.91 12.63
N GLY A 267 -16.46 -2.53 12.12
CA GLY A 267 -17.46 -3.09 13.00
C GLY A 267 -17.93 -2.03 13.98
N SER A 268 -17.88 -2.35 15.27
CA SER A 268 -18.27 -1.37 16.29
C SER A 268 -17.12 -0.45 16.71
N ALA A 269 -15.92 -0.72 16.21
CA ALA A 269 -14.75 0.09 16.54
C ALA A 269 -14.67 1.34 15.67
N ARG A 270 -13.85 2.29 16.11
CA ARG A 270 -13.69 3.54 15.35
C ARG A 270 -12.20 3.86 15.23
N ILE A 271 -11.73 4.10 14.02
CA ILE A 271 -10.36 4.53 13.81
C ILE A 271 -10.37 6.01 13.44
N VAL A 272 -9.63 6.82 14.20
CA VAL A 272 -9.65 8.27 13.96
C VAL A 272 -8.38 8.72 13.24
N ILE A 273 -8.56 9.30 12.06
CA ILE A 273 -7.46 9.89 11.29
C ILE A 273 -7.32 11.37 11.68
N PRO A 274 -6.19 11.72 12.33
CA PRO A 274 -6.01 13.13 12.73
C PRO A 274 -6.01 14.05 11.53
N GLY A 275 -6.50 15.27 11.72
CA GLY A 275 -6.52 16.27 10.66
C GLY A 275 -5.19 16.46 9.96
N ASP A 276 -4.08 16.48 10.71
CA ASP A 276 -2.75 16.68 10.15
CA ASP A 276 -2.79 16.74 10.08
C ASP A 276 -2.41 15.64 9.09
N TYR A 277 -2.92 14.42 9.27
CA TYR A 277 -2.63 13.35 8.31
C TYR A 277 -3.24 13.63 6.92
N ILE A 278 -4.26 14.48 6.90
CA ILE A 278 -5.05 14.72 5.70
C ILE A 278 -4.47 15.90 4.91
N ASP A 279 -3.47 16.56 5.49
CA ASP A 279 -2.82 17.70 4.85
C ASP A 279 -1.63 17.23 4.00
N PHE A 280 -1.74 17.33 2.68
CA PHE A 280 -0.60 16.97 1.84
C PHE A 280 0.13 18.17 1.24
N GLY A 281 -0.07 19.31 1.86
CA GLY A 281 0.79 20.46 1.61
C GLY A 281 0.53 21.17 0.30
N PRO A 282 1.29 22.23 0.03
CA PRO A 282 1.09 23.09 -1.15
C PRO A 282 1.06 22.28 -2.45
N ILE A 283 0.15 22.63 -3.33
CA ILE A 283 0.00 21.90 -4.60
C ILE A 283 1.24 22.05 -5.47
N SER A 284 1.93 23.18 -5.32
CA SER A 284 3.21 23.45 -5.95
C SER A 284 4.02 24.25 -4.94
N THR A 285 5.35 24.23 -5.06
CA THR A 285 6.20 24.92 -4.11
C THR A 285 5.78 26.37 -3.93
N GLY A 286 5.57 26.77 -2.68
CA GLY A 286 5.20 28.14 -2.38
C GLY A 286 3.73 28.49 -2.48
N SER A 287 2.90 27.57 -2.99
CA SER A 287 1.48 27.85 -3.13
C SER A 287 0.77 27.95 -1.79
N SER A 288 -0.26 28.78 -1.74
CA SER A 288 -1.10 28.89 -0.55
C SER A 288 -2.30 27.95 -0.63
N SER A 289 -2.36 27.16 -1.69
CA SER A 289 -3.40 26.15 -1.82
CA SER A 289 -3.40 26.15 -1.82
C SER A 289 -2.78 24.79 -1.53
N CYS A 290 -3.42 24.02 -0.66
CA CYS A 290 -2.89 22.73 -0.23
C CYS A 290 -3.74 21.58 -0.74
N PHE A 291 -3.12 20.42 -0.96
CA PHE A 291 -3.83 19.27 -1.50
C PHE A 291 -4.40 18.38 -0.40
N GLY A 292 -5.64 17.95 -0.58
CA GLY A 292 -6.31 17.11 0.40
C GLY A 292 -5.95 15.63 0.38
N GLY A 293 -5.94 15.04 1.57
CA GLY A 293 -5.60 13.63 1.74
C GLY A 293 -6.79 12.69 1.58
N ILE A 294 -7.97 13.28 1.51
CA ILE A 294 -9.22 12.53 1.28
C ILE A 294 -9.79 13.00 -0.04
N GLN A 295 -10.03 12.06 -0.93
CA GLN A 295 -10.44 12.39 -2.30
C GLN A 295 -11.57 11.46 -2.74
N SER A 296 -12.27 11.87 -3.80
CA SER A 296 -13.39 11.08 -4.28
C SER A 296 -12.93 9.85 -5.06
N SER A 297 -13.60 8.72 -4.81
CA SER A 297 -13.34 7.49 -5.57
C SER A 297 -14.18 7.41 -6.84
N ALA A 298 -14.97 8.44 -7.12
N ALA A 298 -15.01 8.42 -7.06
CA ALA A 298 -15.95 8.37 -8.21
CA ALA A 298 -15.88 8.45 -8.24
C ALA A 298 -15.34 7.99 -9.55
C ALA A 298 -15.02 8.58 -9.49
N GLY A 299 -14.13 8.50 -9.84
N GLY A 299 -15.02 7.55 -10.31
CA GLY A 299 -13.48 8.22 -11.10
CA GLY A 299 -14.15 7.52 -11.47
C GLY A 299 -12.63 6.97 -11.14
C GLY A 299 -13.12 6.43 -11.34
N ILE A 300 -12.71 6.15 -10.10
CA ILE A 300 -11.82 5.00 -9.94
CA ILE A 300 -11.82 4.99 -9.85
C ILE A 300 -12.59 3.68 -9.99
N GLY A 301 -13.81 3.67 -9.48
CA GLY A 301 -14.64 2.47 -9.51
C GLY A 301 -14.57 1.65 -8.23
N ILE A 302 -13.75 2.12 -7.30
N ILE A 302 -13.71 2.09 -7.31
CA ILE A 302 -13.52 1.38 -6.07
CA ILE A 302 -13.55 1.36 -6.06
C ILE A 302 -13.04 2.31 -4.96
C ILE A 302 -13.08 2.33 -4.97
N ASN A 303 -13.50 2.07 -3.74
CA ASN A 303 -13.06 2.88 -2.61
C ASN A 303 -11.74 2.33 -2.12
N ILE A 304 -10.82 3.21 -1.78
CA ILE A 304 -9.48 2.74 -1.41
C ILE A 304 -9.06 3.32 -0.06
N PHE A 305 -8.86 2.44 0.92
CA PHE A 305 -8.27 2.83 2.17
C PHE A 305 -6.75 2.78 2.02
N GLY A 306 -6.17 3.89 1.56
CA GLY A 306 -4.75 4.00 1.33
C GLY A 306 -4.00 4.42 2.58
N ASP A 307 -2.75 4.86 2.40
CA ASP A 307 -1.84 5.10 3.53
C ASP A 307 -2.40 6.09 4.55
N VAL A 308 -3.07 7.13 4.06
CA VAL A 308 -3.68 8.14 4.93
C VAL A 308 -4.56 7.50 6.01
N ALA A 309 -5.33 6.47 5.64
CA ALA A 309 -6.15 5.76 6.60
C ALA A 309 -5.34 4.73 7.38
N LEU A 310 -4.53 3.96 6.66
CA LEU A 310 -3.88 2.82 7.29
C LEU A 310 -2.84 3.23 8.33
N LYS A 311 -2.17 4.37 8.13
CA LYS A 311 -1.11 4.74 9.05
CA LYS A 311 -1.12 4.81 9.04
C LYS A 311 -1.69 5.23 10.39
N ALA A 312 -3.00 5.42 10.45
CA ALA A 312 -3.65 5.77 11.71
C ALA A 312 -3.94 4.53 12.55
N ALA A 313 -3.61 3.36 12.02
CA ALA A 313 -3.93 2.10 12.69
C ALA A 313 -2.79 1.11 12.64
N PHE A 314 -2.89 0.10 13.49
CA PHE A 314 -2.10 -1.12 13.40
C PHE A 314 -2.99 -2.06 12.63
N VAL A 315 -2.55 -2.55 11.47
CA VAL A 315 -3.43 -3.30 10.59
C VAL A 315 -2.94 -4.73 10.41
N VAL A 316 -3.83 -5.67 10.70
CA VAL A 316 -3.52 -7.10 10.57
C VAL A 316 -4.13 -7.67 9.28
N PHE A 317 -3.28 -8.19 8.42
CA PHE A 317 -3.73 -8.88 7.22
C PHE A 317 -3.67 -10.39 7.51
N ASN A 318 -4.83 -10.96 7.80
CA ASN A 318 -4.94 -12.36 8.19
C ASN A 318 -5.22 -13.24 6.99
N GLY A 319 -4.21 -13.98 6.54
CA GLY A 319 -4.32 -14.79 5.35
C GLY A 319 -4.63 -16.25 5.66
N ALA A 320 -5.34 -16.49 6.76
CA ALA A 320 -5.88 -17.82 7.05
C ALA A 320 -6.88 -18.25 5.96
N THR A 321 -7.33 -19.49 6.03
CA THR A 321 -8.22 -20.00 4.99
C THR A 321 -9.45 -19.12 4.85
N THR A 322 -9.97 -18.65 5.98
CA THR A 322 -10.96 -17.57 5.96
C THR A 322 -10.23 -16.27 6.28
N PRO A 323 -9.92 -15.46 5.26
CA PRO A 323 -9.14 -14.25 5.50
CA PRO A 323 -9.14 -14.25 5.50
C PRO A 323 -9.94 -13.16 6.19
N THR A 324 -9.29 -12.39 7.07
CA THR A 324 -9.91 -11.25 7.71
C THR A 324 -8.92 -10.10 7.80
N LEU A 325 -9.44 -8.92 8.11
CA LEU A 325 -8.63 -7.73 8.32
CA LEU A 325 -8.64 -7.74 8.30
C LEU A 325 -8.84 -7.21 9.72
N GLY A 326 -7.75 -6.90 10.41
CA GLY A 326 -7.85 -6.39 11.77
C GLY A 326 -7.32 -4.97 11.88
N PHE A 327 -8.00 -4.15 12.67
CA PHE A 327 -7.55 -2.79 12.95
C PHE A 327 -7.48 -2.51 14.45
N ALA A 328 -6.39 -1.91 14.89
CA ALA A 328 -6.29 -1.40 16.25
C ALA A 328 -5.74 0.02 16.26
N SER A 329 -6.05 0.76 17.33
N SER A 329 -6.06 0.77 17.32
CA SER A 329 -5.44 2.08 17.54
CA SER A 329 -5.44 2.07 17.53
C SER A 329 -4.00 1.88 18.00
C SER A 329 -4.00 1.88 17.98
N LYS A 330 -3.19 2.94 17.90
CA LYS A 330 -1.81 2.84 18.32
C LYS A 330 -1.29 4.20 18.76
C1 GOL B . -3.23 8.22 15.29
O1 GOL B . -3.08 8.98 16.47
C2 GOL B . -4.45 7.32 15.43
O2 GOL B . -5.57 8.08 15.85
C3 GOL B . -4.14 6.23 16.44
O3 GOL B . -5.03 5.16 16.23
C1 GOL C . 15.61 8.87 11.01
O1 GOL C . 15.53 8.47 12.35
C2 GOL C . 14.83 7.86 10.17
O2 GOL C . 15.38 6.57 10.35
C3 GOL C . 14.91 8.21 8.70
O3 GOL C . 14.68 7.01 8.00
C1 GOL D . -20.65 14.17 10.39
O1 GOL D . -19.91 13.35 11.25
C2 GOL D . -20.86 13.46 9.07
O2 GOL D . -21.41 14.36 8.14
C3 GOL D . -21.84 12.31 9.29
O3 GOL D . -23.14 12.83 9.45
C4 8KB E . -2.23 1.01 -7.85
O 8KB E . -0.55 2.63 -7.29
C 8KB E . -1.55 1.77 -6.72
O1 8KB E . -3.46 0.39 -7.49
C3 8KB E . -3.34 -1.01 -7.22
C2 8KB E . -2.08 -1.34 -6.44
N 8KB E . -1.80 -0.31 -5.39
C1 8KB E . -0.86 0.78 -5.76
S DMS F . 5.14 3.69 13.97
O DMS F . 5.77 4.99 13.58
C1 DMS F . 5.85 3.15 15.55
C2 DMS F . 3.43 4.01 14.47
#